data_8T5I
#
_entry.id   8T5I
#
_cell.length_a   101.382
_cell.length_b   86.370
_cell.length_c   80.796
_cell.angle_alpha   90.00
_cell.angle_beta   96.59
_cell.angle_gamma   90.00
#
_symmetry.space_group_name_H-M   'C 1 2 1'
#
loop_
_entity.id
_entity.type
_entity.pdbx_description
1 polymer 'WD repeat-containing protein 5'
2 non-polymer N-[(2S)-1-(6,7-dihydrothieno[3,2-c]pyridin-5(4H)-yl)-1-oxopentan-2-yl]-3-[(1H-imidazol-1-yl)methyl]benzamide
3 non-polymer 1,2-ETHANEDIOL
4 non-polymer 'UNKNOWN ATOM OR ION'
5 non-polymer DI(HYDROXYETHYL)ETHER
6 water water
#
_entity_poly.entity_id   1
_entity_poly.type   'polypeptide(L)'
_entity_poly.pdbx_seq_one_letter_code
;GTQSKPTPVKPNYALKFTLAGHTKAVSSVKFSPNGEWLASSSADKLIKIWGAYDGKFEKTISGHKLGISDVAWSSDSNLL
VSASDDKTLKIWDVSSGKCLKTLKGHSNYVFCCNFNPQSNLIVSGSFDESVRIWDVKTGKCLKTLPAHSDPVSAVHFNRD
GSLIVSSSYDGLCRIWDTASGQCLKTLIDDDNPPVSFVKFSPNGKYILAATLDNTLKLWDYSKGKCLKTYTGHKNEKYCI
FANFSVTGGKWIVSGSEDNLVYIWNLQTKEIVQKLQGHTDVVISTACHPTENIIASAALENDKTIKLWKSDC
;
_entity_poly.pdbx_strand_id   A,B
#
# COMPACT_ATOMS: atom_id res chain seq x y z
N VAL A 9 29.48 -22.07 13.96
CA VAL A 9 29.57 -21.41 15.30
C VAL A 9 28.16 -21.04 15.77
N LYS A 10 27.80 -21.42 17.00
CA LYS A 10 26.51 -21.12 17.64
C LYS A 10 26.76 -20.27 18.89
N PRO A 11 25.80 -19.44 19.32
CA PRO A 11 25.95 -18.69 20.57
C PRO A 11 25.62 -19.58 21.77
N ASN A 12 25.95 -19.12 22.98
CA ASN A 12 25.72 -19.86 24.26
C ASN A 12 25.06 -18.94 25.28
N TYR A 13 24.04 -18.20 24.87
CA TYR A 13 23.24 -17.34 25.78
C TYR A 13 22.78 -18.17 26.97
N ALA A 14 23.10 -17.69 28.18
CA ALA A 14 22.63 -18.26 29.46
C ALA A 14 21.97 -17.15 30.27
N LEU A 15 20.91 -17.49 31.02
CA LEU A 15 20.19 -16.54 31.91
C LEU A 15 21.18 -16.01 32.94
N LYS A 16 21.23 -14.69 33.12
CA LYS A 16 22.05 -14.04 34.18
C LYS A 16 21.14 -13.35 35.20
N PHE A 17 20.13 -12.61 34.76
CA PHE A 17 19.24 -11.85 35.65
C PHE A 17 17.78 -11.97 35.20
N THR A 18 16.89 -12.02 36.18
CA THR A 18 15.42 -11.83 36.01
C THR A 18 15.01 -10.56 36.76
N LEU A 19 14.35 -9.64 36.06
CA LEU A 19 13.96 -8.28 36.49
C LEU A 19 12.45 -8.22 36.70
N ALA A 20 11.99 -8.16 37.94
CA ALA A 20 10.56 -8.16 38.30
C ALA A 20 10.21 -6.80 38.94
N GLY A 21 9.02 -6.30 38.65
CA GLY A 21 8.59 -4.97 39.10
C GLY A 21 7.32 -4.50 38.42
N HIS A 22 7.18 -4.73 37.12
CA HIS A 22 5.94 -4.38 36.38
C HIS A 22 4.79 -5.24 36.89
N THR A 23 3.60 -4.67 37.04
CA THR A 23 2.43 -5.36 37.66
C THR A 23 1.45 -5.81 36.58
N LYS A 24 1.73 -5.51 35.31
CA LYS A 24 0.92 -5.96 34.14
CA LYS A 24 0.93 -5.98 34.15
C LYS A 24 1.90 -6.35 33.04
N ALA A 25 1.41 -6.80 31.88
CA ALA A 25 2.27 -7.23 30.75
C ALA A 25 3.36 -6.21 30.50
N VAL A 26 4.56 -6.70 30.21
CA VAL A 26 5.64 -5.84 29.67
C VAL A 26 5.36 -5.75 28.18
N SER A 27 5.57 -4.57 27.60
CA SER A 27 5.22 -4.32 26.19
C SER A 27 6.49 -4.23 25.33
N SER A 28 7.56 -3.63 25.86
CA SER A 28 8.78 -3.33 25.09
CA SER A 28 8.79 -3.35 25.08
C SER A 28 9.98 -3.20 26.03
N VAL A 29 11.13 -3.70 25.62
CA VAL A 29 12.42 -3.40 26.28
C VAL A 29 13.39 -2.87 25.21
N LYS A 30 14.25 -1.93 25.62
CA LYS A 30 15.25 -1.31 24.71
C LYS A 30 16.50 -0.96 25.53
N PHE A 31 17.69 -1.28 25.01
CA PHE A 31 18.96 -0.81 25.60
C PHE A 31 19.26 0.61 25.16
N SER A 32 19.83 1.41 26.07
CA SER A 32 20.34 2.77 25.76
C SER A 32 21.50 2.63 24.79
N PRO A 33 21.64 3.55 23.81
CA PRO A 33 22.79 3.52 22.91
C PRO A 33 24.15 3.46 23.63
N ASN A 34 24.26 4.05 24.82
CA ASN A 34 25.54 4.09 25.57
C ASN A 34 25.78 2.77 26.32
N GLY A 35 24.84 1.83 26.27
CA GLY A 35 24.96 0.46 26.82
C GLY A 35 24.75 0.39 28.33
N GLU A 36 24.38 1.48 29.00
CA GLU A 36 24.35 1.50 30.49
C GLU A 36 23.00 0.99 31.00
N TRP A 37 21.93 1.19 30.24
CA TRP A 37 20.56 1.05 30.77
C TRP A 37 19.69 0.20 29.85
N LEU A 38 18.69 -0.45 30.46
CA LEU A 38 17.52 -1.02 29.75
C LEU A 38 16.30 -0.21 30.15
N ALA A 39 15.50 0.21 29.17
CA ALA A 39 14.17 0.80 29.44
C ALA A 39 13.10 -0.26 29.15
N SER A 40 12.09 -0.34 29.99
CA SER A 40 10.90 -1.21 29.82
C SER A 40 9.62 -0.38 29.91
N SER A 41 8.67 -0.72 29.05
CA SER A 41 7.30 -0.13 29.06
C SER A 41 6.32 -1.25 29.36
N SER A 42 5.18 -0.91 29.94
CA SER A 42 4.22 -1.93 30.42
C SER A 42 2.79 -1.40 30.30
N ALA A 43 1.86 -2.34 30.27
CA ALA A 43 0.39 -2.12 30.36
C ALA A 43 0.03 -1.46 31.69
N ASP A 44 0.94 -1.50 32.67
CA ASP A 44 0.77 -0.90 34.02
C ASP A 44 0.99 0.62 33.98
N LYS A 45 1.20 1.23 32.80
CA LYS A 45 1.30 2.69 32.54
C LYS A 45 2.68 3.20 32.94
N LEU A 46 3.63 2.31 33.22
CA LEU A 46 4.97 2.73 33.74
C LEU A 46 6.08 2.40 32.74
N ILE A 47 7.11 3.24 32.77
CA ILE A 47 8.47 2.98 32.25
C ILE A 47 9.33 2.63 33.48
N LYS A 48 10.11 1.57 33.38
CA LYS A 48 11.17 1.30 34.40
C LYS A 48 12.53 1.33 33.69
N ILE A 49 13.52 1.80 34.43
CA ILE A 49 14.95 1.80 34.01
C ILE A 49 15.69 0.79 34.87
N TRP A 50 16.57 0.01 34.25
CA TRP A 50 17.34 -1.09 34.87
C TRP A 50 18.78 -1.02 34.40
N GLY A 51 19.73 -1.39 35.26
CA GLY A 51 21.15 -1.51 34.87
C GLY A 51 21.33 -2.63 33.83
N ALA A 52 21.90 -2.32 32.67
CA ALA A 52 22.01 -3.28 31.54
C ALA A 52 22.90 -4.49 31.91
N TYR A 53 23.89 -4.29 32.78
CA TYR A 53 24.90 -5.34 33.07
C TYR A 53 24.54 -6.11 34.34
N ASP A 54 23.92 -5.45 35.34
CA ASP A 54 23.67 -6.05 36.68
C ASP A 54 22.16 -6.29 36.88
N GLY A 55 21.29 -5.76 36.00
CA GLY A 55 19.82 -5.90 36.09
C GLY A 55 19.23 -5.12 37.26
N LYS A 56 20.02 -4.24 37.88
CA LYS A 56 19.63 -3.53 39.12
C LYS A 56 18.56 -2.49 38.77
N PHE A 57 17.38 -2.64 39.38
CA PHE A 57 16.29 -1.64 39.23
C PHE A 57 16.87 -0.25 39.50
N GLU A 58 16.69 0.69 38.56
CA GLU A 58 17.16 2.10 38.70
C GLU A 58 16.02 3.01 39.12
N LYS A 59 14.98 3.21 38.29
CA LYS A 59 13.91 4.18 38.60
C LYS A 59 12.64 3.86 37.80
N THR A 60 11.51 4.40 38.26
CA THR A 60 10.22 4.37 37.53
C THR A 60 9.91 5.77 37.02
N ILE A 61 9.43 5.84 35.78
CA ILE A 61 8.95 7.09 35.13
C ILE A 61 7.45 6.92 34.82
N SER A 62 6.62 7.82 35.31
CA SER A 62 5.14 7.70 35.18
C SER A 62 4.54 9.00 34.66
N GLY A 63 3.28 8.94 34.22
CA GLY A 63 2.54 10.14 33.78
C GLY A 63 1.50 9.82 32.72
N HIS A 64 1.71 8.76 31.92
CA HIS A 64 0.69 8.26 30.98
C HIS A 64 -0.56 7.85 31.77
N LYS A 65 -1.73 8.16 31.20
CA LYS A 65 -3.07 7.89 31.78
C LYS A 65 -3.49 6.45 31.49
N LEU A 66 -2.89 5.78 30.49
CA LEU A 66 -3.24 4.38 30.13
C LEU A 66 -1.94 3.63 29.80
N GLY A 67 -2.07 2.32 29.57
CA GLY A 67 -0.93 1.42 29.26
C GLY A 67 -0.01 1.97 28.17
N ILE A 68 1.27 1.62 28.26
CA ILE A 68 2.34 2.01 27.30
C ILE A 68 2.69 0.80 26.42
N SER A 69 2.73 0.99 25.11
CA SER A 69 2.97 -0.10 24.13
CA SER A 69 2.97 -0.10 24.12
C SER A 69 4.44 -0.15 23.70
N ASP A 70 5.15 0.97 23.77
CA ASP A 70 6.52 1.01 23.20
C ASP A 70 7.28 2.17 23.83
N VAL A 71 8.60 2.06 23.82
N VAL A 71 8.61 2.09 23.81
CA VAL A 71 9.55 3.09 24.31
CA VAL A 71 9.54 3.13 24.34
C VAL A 71 10.73 3.13 23.33
C VAL A 71 10.80 3.09 23.49
N ALA A 72 11.45 4.24 23.27
CA ALA A 72 12.66 4.36 22.43
C ALA A 72 13.57 5.43 23.04
N TRP A 73 14.87 5.20 22.88
CA TRP A 73 15.95 6.10 23.35
C TRP A 73 16.39 7.08 22.26
N SER A 74 16.74 8.30 22.69
CA SER A 74 17.52 9.27 21.87
C SER A 74 18.98 8.79 21.79
N SER A 75 19.69 9.30 20.79
CA SER A 75 21.06 8.84 20.47
CA SER A 75 21.07 8.91 20.44
C SER A 75 22.04 9.22 21.58
N ASP A 76 21.76 10.26 22.37
CA ASP A 76 22.65 10.69 23.49
C ASP A 76 22.28 9.96 24.79
N SER A 77 21.32 9.03 24.73
CA SER A 77 20.87 8.18 25.86
C SER A 77 20.16 9.03 26.92
N ASN A 78 19.81 10.29 26.63
CA ASN A 78 19.29 11.24 27.64
C ASN A 78 17.77 11.29 27.62
N LEU A 79 17.14 10.99 26.48
CA LEU A 79 15.67 11.09 26.37
C LEU A 79 15.09 9.73 26.06
N LEU A 80 13.86 9.51 26.50
CA LEU A 80 12.99 8.41 26.03
C LEU A 80 11.77 9.05 25.39
N VAL A 81 11.22 8.37 24.39
CA VAL A 81 9.84 8.61 23.92
C VAL A 81 9.00 7.37 24.22
N SER A 82 7.76 7.56 24.62
CA SER A 82 6.82 6.46 24.93
C SER A 82 5.54 6.65 24.11
N ALA A 83 4.95 5.54 23.65
CA ALA A 83 3.68 5.48 22.91
C ALA A 83 2.62 4.80 23.78
N SER A 84 1.47 5.44 24.02
CA SER A 84 0.47 5.01 25.02
C SER A 84 -0.91 4.80 24.38
N ASP A 85 -1.71 3.95 25.00
CA ASP A 85 -3.17 3.82 24.70
C ASP A 85 -3.92 5.12 25.01
N ASP A 86 -3.31 6.10 25.71
CA ASP A 86 -3.96 7.41 25.99
C ASP A 86 -3.94 8.31 24.74
N LYS A 87 -3.46 7.79 23.60
CA LYS A 87 -3.41 8.46 22.27
C LYS A 87 -2.29 9.49 22.20
N THR A 88 -1.39 9.51 23.19
CA THR A 88 -0.26 10.47 23.17
C THR A 88 1.06 9.71 23.14
N LEU A 89 2.11 10.42 22.71
CA LEU A 89 3.50 10.05 23.04
C LEU A 89 4.01 11.07 24.05
N LYS A 90 4.93 10.64 24.90
CA LYS A 90 5.62 11.55 25.84
C LYS A 90 7.11 11.44 25.58
N ILE A 91 7.78 12.60 25.60
CA ILE A 91 9.25 12.73 25.60
C ILE A 91 9.70 12.99 27.05
N TRP A 92 10.59 12.15 27.54
CA TRP A 92 11.05 12.13 28.96
C TRP A 92 12.53 12.50 29.04
N ASP A 93 12.89 13.30 30.04
CA ASP A 93 14.30 13.45 30.45
C ASP A 93 14.59 12.34 31.45
N VAL A 94 15.44 11.39 31.08
CA VAL A 94 15.58 10.15 31.90
C VAL A 94 16.17 10.52 33.26
N SER A 95 17.15 11.42 33.31
CA SER A 95 17.90 11.72 34.57
C SER A 95 16.95 12.40 35.57
N SER A 96 16.10 13.33 35.13
CA SER A 96 15.19 14.09 36.01
C SER A 96 13.85 13.36 36.21
N GLY A 97 13.42 12.55 35.25
CA GLY A 97 12.07 11.96 35.21
C GLY A 97 11.02 12.91 34.64
N LYS A 98 11.45 14.10 34.22
N LYS A 98 11.43 14.12 34.25
CA LYS A 98 10.60 15.18 33.67
CA LYS A 98 10.52 15.16 33.73
C LYS A 98 9.94 14.70 32.37
C LYS A 98 9.92 14.70 32.39
N CYS A 99 8.62 14.87 32.25
CA CYS A 99 7.93 14.84 30.94
C CYS A 99 8.19 16.18 30.26
N LEU A 100 9.03 16.20 29.20
CA LEU A 100 9.40 17.43 28.48
C LEU A 100 8.26 17.84 27.55
N LYS A 101 7.64 16.88 26.87
CA LYS A 101 6.65 17.12 25.80
C LYS A 101 5.60 16.02 25.82
N THR A 102 4.33 16.40 25.60
CA THR A 102 3.24 15.45 25.27
C THR A 102 2.87 15.71 23.81
N LEU A 103 2.99 14.67 22.99
CA LEU A 103 2.77 14.73 21.52
C LEU A 103 1.32 14.30 21.24
N LYS A 104 0.48 15.27 20.91
CA LYS A 104 -0.98 15.05 20.73
C LYS A 104 -1.33 15.16 19.25
N GLY A 105 -2.20 14.28 18.76
CA GLY A 105 -2.62 14.27 17.34
C GLY A 105 -3.24 12.96 16.90
N HIS A 106 -2.72 11.83 17.37
CA HIS A 106 -3.31 10.51 17.02
C HIS A 106 -4.74 10.46 17.58
N SER A 107 -5.62 9.77 16.88
CA SER A 107 -7.06 9.69 17.23
C SER A 107 -7.37 8.32 17.83
N ASN A 108 -6.36 7.49 18.06
CA ASN A 108 -6.50 6.14 18.67
C ASN A 108 -5.18 5.76 19.33
N TYR A 109 -5.10 4.55 19.92
CA TYR A 109 -3.91 4.07 20.66
C TYR A 109 -2.65 4.37 19.84
N VAL A 110 -1.61 4.86 20.50
CA VAL A 110 -0.27 4.97 19.85
C VAL A 110 0.45 3.67 20.19
N PHE A 111 0.88 2.95 19.16
CA PHE A 111 1.37 1.55 19.30
C PHE A 111 2.89 1.45 19.22
N CYS A 112 3.57 2.28 18.44
CA CYS A 112 5.01 2.09 18.16
C CYS A 112 5.65 3.46 17.95
N CYS A 113 6.92 3.58 18.29
CA CYS A 113 7.64 4.86 18.21
C CYS A 113 9.14 4.65 18.08
N ASN A 114 9.82 5.61 17.50
CA ASN A 114 11.30 5.58 17.37
C ASN A 114 11.80 7.00 17.18
N PHE A 115 13.00 7.28 17.66
CA PHE A 115 13.78 8.46 17.22
C PHE A 115 14.50 8.14 15.92
N ASN A 116 14.82 9.18 15.15
CA ASN A 116 15.79 9.08 14.03
C ASN A 116 17.19 9.09 14.65
N PRO A 117 18.23 8.62 13.93
CA PRO A 117 19.58 8.59 14.47
C PRO A 117 20.04 9.97 14.96
N GLN A 118 19.72 11.04 14.23
CA GLN A 118 20.04 12.46 14.57
C GLN A 118 19.35 12.85 15.88
N SER A 119 18.23 12.19 16.20
CA SER A 119 17.36 12.38 17.39
C SER A 119 16.75 13.78 17.43
N ASN A 120 16.41 14.31 16.26
CA ASN A 120 15.64 15.57 16.15
C ASN A 120 14.23 15.26 15.67
N LEU A 121 13.92 14.01 15.29
CA LEU A 121 12.55 13.60 14.89
C LEU A 121 12.13 12.34 15.64
N ILE A 122 10.82 12.23 15.85
CA ILE A 122 10.16 10.99 16.35
C ILE A 122 9.18 10.54 15.29
N VAL A 123 9.13 9.24 15.03
CA VAL A 123 8.10 8.62 14.17
C VAL A 123 7.18 7.80 15.08
N SER A 124 5.89 7.82 14.80
CA SER A 124 4.90 7.05 15.58
C SER A 124 3.96 6.35 14.61
N GLY A 125 3.46 5.20 15.02
CA GLY A 125 2.35 4.50 14.37
C GLY A 125 1.21 4.31 15.34
N SER A 126 0.00 4.25 14.82
CA SER A 126 -1.20 4.21 15.67
C SER A 126 -2.27 3.25 15.13
N PHE A 127 -3.16 2.82 16.00
CA PHE A 127 -4.42 2.13 15.61
C PHE A 127 -5.29 3.03 14.74
N ASP A 128 -5.00 4.34 14.63
CA ASP A 128 -5.71 5.27 13.71
C ASP A 128 -5.25 5.08 12.26
N GLU A 129 -4.30 4.16 12.01
CA GLU A 129 -3.84 3.70 10.68
C GLU A 129 -2.89 4.73 10.07
N SER A 130 -2.49 5.75 10.85
CA SER A 130 -1.56 6.81 10.38
C SER A 130 -0.17 6.57 10.96
N VAL A 131 0.82 7.14 10.28
CA VAL A 131 2.20 7.34 10.81
C VAL A 131 2.37 8.85 10.98
N ARG A 132 2.88 9.32 12.12
CA ARG A 132 3.18 10.75 12.31
C ARG A 132 4.70 10.94 12.49
N ILE A 133 5.21 12.04 11.98
CA ILE A 133 6.61 12.51 12.18
C ILE A 133 6.52 13.77 13.05
N TRP A 134 7.23 13.78 14.17
CA TRP A 134 7.17 14.87 15.17
C TRP A 134 8.53 15.54 15.28
N ASP A 135 8.50 16.85 15.59
CA ASP A 135 9.71 17.64 15.95
C ASP A 135 9.99 17.42 17.44
N VAL A 136 11.16 16.86 17.77
CA VAL A 136 11.56 16.61 19.18
C VAL A 136 11.59 17.92 19.99
N LYS A 137 12.12 18.99 19.42
CA LYS A 137 12.39 20.25 20.17
C LYS A 137 11.05 20.92 20.54
N THR A 138 10.09 20.97 19.61
CA THR A 138 8.82 21.72 19.76
C THR A 138 7.68 20.80 20.21
N GLY A 139 7.76 19.50 19.89
CA GLY A 139 6.67 18.54 20.17
C GLY A 139 5.55 18.68 19.14
N LYS A 140 5.78 19.43 18.07
CA LYS A 140 4.78 19.68 17.00
C LYS A 140 4.78 18.51 16.03
N CYS A 141 3.62 18.08 15.57
CA CYS A 141 3.49 17.13 14.44
C CYS A 141 3.88 17.84 13.15
N LEU A 142 4.87 17.33 12.42
CA LEU A 142 5.35 17.91 11.15
C LEU A 142 4.59 17.31 9.97
N LYS A 143 4.36 15.99 9.98
CA LYS A 143 3.67 15.28 8.87
C LYS A 143 2.75 14.20 9.46
N THR A 144 1.56 14.07 8.89
CA THR A 144 0.67 12.89 9.03
C THR A 144 0.68 12.12 7.72
N LEU A 145 1.13 10.86 7.73
CA LEU A 145 1.16 9.98 6.54
C LEU A 145 -0.07 9.08 6.56
N PRO A 146 -0.85 9.01 5.46
CA PRO A 146 -2.01 8.13 5.38
C PRO A 146 -1.53 6.71 5.05
N ALA A 147 -0.82 6.11 5.98
CA ALA A 147 0.17 5.05 5.70
C ALA A 147 -0.51 3.71 5.35
N HIS A 148 -1.58 3.37 6.05
CA HIS A 148 -2.19 2.01 6.06
C HIS A 148 -3.71 2.07 6.19
N SER A 149 -4.34 0.93 5.99
CA SER A 149 -5.82 0.77 6.08
C SER A 149 -6.18 -0.10 7.28
N ASP A 150 -5.25 -0.30 8.21
CA ASP A 150 -5.48 -1.05 9.47
C ASP A 150 -4.40 -0.60 10.45
N PRO A 151 -4.46 -1.05 11.72
CA PRO A 151 -3.47 -0.60 12.70
C PRO A 151 -2.01 -0.81 12.24
N VAL A 152 -1.18 0.15 12.63
CA VAL A 152 0.26 0.21 12.27
C VAL A 152 1.04 -0.53 13.35
N SER A 153 1.78 -1.58 12.98
CA SER A 153 2.44 -2.45 13.99
C SER A 153 3.85 -1.95 14.32
N ALA A 154 4.53 -1.26 13.41
CA ALA A 154 5.94 -0.87 13.63
C ALA A 154 6.30 0.31 12.73
N VAL A 155 7.23 1.15 13.22
CA VAL A 155 7.86 2.29 12.50
C VAL A 155 9.33 2.35 12.89
N HIS A 156 10.21 2.57 11.93
CA HIS A 156 11.67 2.52 12.16
C HIS A 156 12.35 3.39 11.12
N PHE A 157 13.32 4.20 11.56
CA PHE A 157 14.19 4.98 10.66
C PHE A 157 15.39 4.12 10.24
N ASN A 158 15.86 4.32 9.01
CA ASN A 158 17.12 3.72 8.50
C ASN A 158 18.30 4.48 9.12
N ARG A 159 19.51 4.01 8.84
CA ARG A 159 20.74 4.38 9.59
C ARG A 159 21.06 5.87 9.45
N ASP A 160 20.60 6.57 8.40
CA ASP A 160 20.89 8.02 8.22
C ASP A 160 19.60 8.85 8.36
N GLY A 161 18.48 8.23 8.71
CA GLY A 161 17.20 8.93 8.96
C GLY A 161 16.46 9.34 7.71
N SER A 162 16.94 8.97 6.50
CA SER A 162 16.36 9.45 5.22
C SER A 162 15.09 8.67 4.90
N LEU A 163 14.92 7.49 5.48
CA LEU A 163 13.75 6.62 5.19
C LEU A 163 13.11 6.17 6.50
N ILE A 164 11.80 5.94 6.42
CA ILE A 164 10.97 5.30 7.47
C ILE A 164 10.36 4.04 6.84
N VAL A 165 10.45 2.91 7.55
CA VAL A 165 9.68 1.69 7.19
C VAL A 165 8.51 1.59 8.17
N SER A 166 7.32 1.25 7.66
CA SER A 166 6.10 1.01 8.46
C SER A 166 5.50 -0.33 8.06
N SER A 167 4.81 -0.95 8.99
CA SER A 167 4.12 -2.25 8.77
C SER A 167 2.72 -2.18 9.38
N SER A 168 1.84 -3.03 8.89
CA SER A 168 0.42 -2.97 9.29
C SER A 168 -0.24 -4.34 9.21
N TYR A 169 -1.32 -4.47 9.98
CA TYR A 169 -2.33 -5.56 9.91
C TYR A 169 -2.88 -5.68 8.48
N ASP A 170 -2.85 -4.60 7.70
CA ASP A 170 -3.26 -4.57 6.26
C ASP A 170 -2.37 -5.47 5.41
N GLY A 171 -1.23 -5.97 5.92
CA GLY A 171 -0.36 -6.94 5.24
C GLY A 171 0.71 -6.27 4.39
N LEU A 172 0.88 -4.95 4.52
CA LEU A 172 1.84 -4.14 3.74
C LEU A 172 3.01 -3.74 4.60
N CYS A 173 4.21 -3.74 4.02
N CYS A 173 4.19 -3.65 3.99
CA CYS A 173 5.36 -2.91 4.48
CA CYS A 173 5.37 -2.94 4.49
C CYS A 173 5.46 -1.73 3.50
C CYS A 173 5.66 -1.78 3.52
N ARG A 174 5.74 -0.55 4.04
CA ARG A 174 5.88 0.66 3.20
C ARG A 174 7.14 1.41 3.61
N ILE A 175 7.85 1.91 2.61
CA ILE A 175 9.05 2.76 2.82
C ILE A 175 8.67 4.21 2.46
N TRP A 176 9.00 5.14 3.35
CA TRP A 176 8.63 6.58 3.24
C TRP A 176 9.91 7.42 3.18
N ASP A 177 9.89 8.43 2.33
CA ASP A 177 10.88 9.53 2.36
C ASP A 177 10.58 10.43 3.56
N THR A 178 11.49 10.50 4.53
CA THR A 178 11.34 11.34 5.74
C THR A 178 11.07 12.80 5.34
N ALA A 179 11.87 13.35 4.43
CA ALA A 179 11.82 14.77 4.05
C ALA A 179 10.48 15.11 3.38
N SER A 180 10.03 14.32 2.41
CA SER A 180 8.85 14.64 1.57
C SER A 180 7.56 14.06 2.11
N GLY A 181 7.62 12.96 2.85
CA GLY A 181 6.42 12.21 3.25
C GLY A 181 5.93 11.29 2.15
N GLN A 182 6.63 11.20 1.03
CA GLN A 182 6.18 10.38 -0.13
C GLN A 182 6.38 8.90 0.19
N CYS A 183 5.40 8.07 -0.14
CA CYS A 183 5.52 6.59 -0.13
C CYS A 183 6.41 6.21 -1.31
N LEU A 184 7.59 5.67 -1.05
CA LEU A 184 8.59 5.32 -2.09
C LEU A 184 8.40 3.88 -2.54
N LYS A 185 7.97 2.99 -1.64
CA LYS A 185 7.84 1.55 -1.96
C LYS A 185 6.76 0.92 -1.08
N THR A 186 6.04 -0.03 -1.67
CA THR A 186 5.14 -0.95 -0.96
C THR A 186 5.64 -2.38 -1.26
N LEU A 187 5.95 -3.15 -0.22
CA LEU A 187 6.45 -4.55 -0.38
C LEU A 187 5.29 -5.54 -0.25
N ILE A 188 5.14 -6.35 -1.30
CA ILE A 188 4.03 -7.33 -1.49
C ILE A 188 4.70 -8.66 -1.86
N ASP A 189 4.49 -9.71 -1.07
CA ASP A 189 4.91 -11.09 -1.41
C ASP A 189 3.77 -11.79 -2.17
N ASP A 190 3.90 -13.12 -2.33
CA ASP A 190 2.93 -14.02 -3.01
C ASP A 190 1.60 -14.01 -2.25
N ASP A 191 1.61 -13.67 -0.95
CA ASP A 191 0.37 -13.36 -0.18
C ASP A 191 0.63 -12.16 0.73
N ASN A 192 -0.39 -11.70 1.46
CA ASN A 192 -0.30 -10.53 2.37
C ASN A 192 -0.94 -10.87 3.72
N PRO A 193 -0.35 -11.82 4.51
CA PRO A 193 -0.70 -11.97 5.91
C PRO A 193 -0.42 -10.68 6.67
N PRO A 194 -1.12 -10.39 7.80
CA PRO A 194 -0.77 -9.28 8.70
C PRO A 194 0.73 -9.18 9.00
N VAL A 195 1.29 -7.97 8.86
CA VAL A 195 2.72 -7.73 9.17
C VAL A 195 2.76 -7.17 10.59
N SER A 196 3.37 -7.93 11.48
CA SER A 196 3.35 -7.73 12.93
C SER A 196 4.61 -6.99 13.40
N PHE A 197 5.63 -6.87 12.56
CA PHE A 197 6.87 -6.14 12.92
C PHE A 197 7.71 -5.89 11.68
N VAL A 198 8.38 -4.75 11.65
CA VAL A 198 9.40 -4.47 10.60
C VAL A 198 10.50 -3.60 11.20
N LYS A 199 11.70 -3.74 10.68
CA LYS A 199 12.83 -2.83 10.98
C LYS A 199 13.89 -2.97 9.91
N PHE A 200 14.62 -1.88 9.66
CA PHE A 200 15.83 -1.87 8.81
C PHE A 200 16.97 -2.65 9.48
N SER A 201 17.79 -3.31 8.66
CA SER A 201 19.10 -3.87 9.05
C SER A 201 20.01 -2.70 9.44
N PRO A 202 21.04 -2.94 10.29
CA PRO A 202 21.95 -1.87 10.69
C PRO A 202 22.54 -1.09 9.50
N ASN A 203 22.84 -1.76 8.39
CA ASN A 203 23.47 -1.13 7.20
C ASN A 203 22.43 -0.44 6.31
N GLY A 204 21.13 -0.63 6.60
CA GLY A 204 20.00 0.07 5.93
C GLY A 204 19.63 -0.54 4.59
N LYS A 205 20.30 -1.63 4.19
CA LYS A 205 20.12 -2.27 2.86
C LYS A 205 18.93 -3.21 2.90
N TYR A 206 18.58 -3.74 4.08
CA TYR A 206 17.58 -4.82 4.22
C TYR A 206 16.50 -4.39 5.18
N ILE A 207 15.37 -5.08 5.09
CA ILE A 207 14.26 -4.96 6.07
C ILE A 207 13.90 -6.35 6.58
N LEU A 208 13.85 -6.49 7.90
CA LEU A 208 13.34 -7.70 8.56
C LEU A 208 11.85 -7.49 8.85
N ALA A 209 11.00 -8.39 8.36
CA ALA A 209 9.54 -8.30 8.45
C ALA A 209 9.00 -9.56 9.09
N ALA A 210 8.16 -9.41 10.11
CA ALA A 210 7.44 -10.54 10.72
C ALA A 210 6.02 -10.57 10.22
N THR A 211 5.51 -11.76 9.90
CA THR A 211 4.09 -11.95 9.51
C THR A 211 3.43 -12.97 10.44
N LEU A 212 2.11 -12.88 10.60
CA LEU A 212 1.33 -13.72 11.55
C LEU A 212 1.04 -15.09 10.93
N ASP A 213 1.95 -15.58 10.08
CA ASP A 213 2.03 -16.97 9.57
C ASP A 213 3.32 -17.62 10.08
N ASN A 214 3.77 -17.25 11.29
CA ASN A 214 4.93 -17.88 11.97
C ASN A 214 6.21 -17.73 11.12
N THR A 215 6.40 -16.57 10.48
CA THR A 215 7.50 -16.36 9.50
C THR A 215 8.15 -14.98 9.68
N LEU A 216 9.48 -14.95 9.71
CA LEU A 216 10.29 -13.71 9.53
CA LEU A 216 10.30 -13.72 9.53
C LEU A 216 10.94 -13.76 8.15
N LYS A 217 10.99 -12.63 7.46
CA LYS A 217 11.66 -12.55 6.14
C LYS A 217 12.65 -11.40 6.15
N LEU A 218 13.82 -11.60 5.55
CA LEU A 218 14.77 -10.52 5.23
C LEU A 218 14.57 -10.13 3.77
N TRP A 219 14.17 -8.87 3.55
CA TRP A 219 13.88 -8.28 2.23
C TRP A 219 15.04 -7.38 1.79
N ASP A 220 15.46 -7.48 0.54
CA ASP A 220 16.20 -6.41 -0.17
C ASP A 220 15.13 -5.44 -0.70
N TYR A 221 14.96 -4.28 -0.08
CA TYR A 221 13.83 -3.36 -0.44
C TYR A 221 14.17 -2.63 -1.76
N SER A 222 15.45 -2.32 -1.97
CA SER A 222 16.02 -1.78 -3.23
C SER A 222 15.64 -2.68 -4.43
N LYS A 223 15.84 -3.99 -4.29
CA LYS A 223 15.48 -5.00 -5.33
C LYS A 223 14.03 -5.45 -5.14
N GLY A 224 13.44 -5.24 -3.96
CA GLY A 224 12.08 -5.69 -3.62
C GLY A 224 11.96 -7.20 -3.65
N LYS A 225 13.02 -7.93 -3.27
CA LYS A 225 13.16 -9.41 -3.29
C LYS A 225 13.37 -9.94 -1.86
N CYS A 226 12.76 -11.07 -1.52
CA CYS A 226 13.01 -11.81 -0.25
C CYS A 226 14.35 -12.53 -0.36
N LEU A 227 15.26 -12.36 0.61
CA LEU A 227 16.62 -12.98 0.61
C LEU A 227 16.67 -14.19 1.55
N LYS A 228 16.00 -14.13 2.70
CA LYS A 228 16.05 -15.16 3.76
C LYS A 228 14.66 -15.31 4.39
N THR A 229 14.32 -16.53 4.79
CA THR A 229 13.09 -16.88 5.52
C THR A 229 13.50 -17.62 6.79
N TYR A 230 12.96 -17.23 7.95
CA TYR A 230 13.22 -17.84 9.28
C TYR A 230 11.90 -18.35 9.88
N THR A 231 11.87 -19.62 10.28
CA THR A 231 10.67 -20.28 10.84
C THR A 231 11.08 -21.22 11.98
N GLY A 232 10.10 -21.86 12.62
CA GLY A 232 10.28 -22.76 13.77
C GLY A 232 9.69 -22.18 15.04
N HIS A 233 9.49 -20.85 15.09
CA HIS A 233 8.84 -20.14 16.21
C HIS A 233 7.32 -20.07 16.01
N LYS A 234 6.62 -19.54 17.01
CA LYS A 234 5.14 -19.42 16.97
C LYS A 234 4.79 -17.93 16.99
N ASN A 235 4.17 -17.44 15.92
CA ASN A 235 3.75 -16.02 15.83
C ASN A 235 2.52 -15.91 14.93
N GLU A 236 1.32 -16.05 15.51
CA GLU A 236 0.02 -15.94 14.81
C GLU A 236 -0.88 -14.84 15.40
N LYS A 237 -0.48 -14.18 16.49
CA LYS A 237 -1.42 -13.31 17.24
C LYS A 237 -0.82 -11.94 17.55
N TYR A 238 0.45 -11.90 17.95
CA TYR A 238 1.08 -10.75 18.64
C TYR A 238 2.12 -10.10 17.75
N CYS A 239 2.27 -8.78 17.93
CA CYS A 239 3.35 -7.96 17.34
C CYS A 239 4.59 -8.12 18.22
N ILE A 240 5.45 -9.05 17.85
CA ILE A 240 6.68 -9.41 18.59
C ILE A 240 7.86 -8.71 17.93
N PHE A 241 8.70 -8.06 18.74
CA PHE A 241 9.93 -7.39 18.28
C PHE A 241 10.93 -8.46 17.86
N ALA A 242 11.64 -8.21 16.77
CA ALA A 242 12.80 -9.01 16.34
C ALA A 242 14.01 -8.10 16.16
N ASN A 243 15.19 -8.69 16.12
CA ASN A 243 16.47 -7.94 16.19
C ASN A 243 17.52 -8.59 15.30
N PHE A 244 18.45 -7.78 14.83
CA PHE A 244 19.76 -8.20 14.27
C PHE A 244 20.79 -8.14 15.40
N SER A 245 21.34 -9.28 15.79
CA SER A 245 22.44 -9.37 16.79
C SER A 245 23.76 -9.24 16.04
N VAL A 246 24.60 -8.26 16.38
CA VAL A 246 25.80 -7.94 15.56
C VAL A 246 27.08 -7.84 16.38
N THR A 247 27.03 -8.02 17.71
CA THR A 247 28.19 -7.84 18.62
C THR A 247 29.15 -9.03 18.49
N GLY A 248 28.64 -10.24 18.23
CA GLY A 248 29.43 -11.46 17.98
C GLY A 248 29.04 -12.07 16.64
N GLY A 249 28.48 -13.27 16.67
CA GLY A 249 27.91 -13.93 15.47
C GLY A 249 26.74 -13.12 14.93
N LYS A 250 26.48 -13.21 13.62
CA LYS A 250 25.39 -12.44 12.96
C LYS A 250 24.11 -13.27 13.06
N TRP A 251 23.25 -12.88 14.01
CA TRP A 251 21.99 -13.62 14.30
C TRP A 251 20.77 -12.75 14.00
N ILE A 252 19.65 -13.44 13.87
CA ILE A 252 18.27 -12.89 14.01
C ILE A 252 17.75 -13.37 15.36
N VAL A 253 17.21 -12.45 16.17
CA VAL A 253 16.64 -12.77 17.50
C VAL A 253 15.17 -12.37 17.51
N SER A 254 14.31 -13.26 18.00
CA SER A 254 12.87 -12.92 18.14
C SER A 254 12.27 -13.62 19.35
N GLY A 255 11.21 -13.02 19.88
CA GLY A 255 10.28 -13.63 20.83
C GLY A 255 9.37 -14.63 20.12
N SER A 256 8.48 -15.25 20.86
CA SER A 256 7.65 -16.36 20.33
C SER A 256 6.47 -16.55 21.27
N GLU A 257 5.33 -16.99 20.73
CA GLU A 257 4.12 -17.30 21.51
C GLU A 257 4.23 -18.66 22.19
N ASP A 258 5.30 -19.42 21.98
CA ASP A 258 5.59 -20.66 22.75
C ASP A 258 6.53 -20.35 23.95
N ASN A 259 6.71 -19.08 24.30
CA ASN A 259 7.36 -18.62 25.55
C ASN A 259 8.89 -18.72 25.45
N LEU A 260 9.45 -18.85 24.24
CA LEU A 260 10.91 -19.00 24.04
C LEU A 260 11.46 -17.80 23.27
N VAL A 261 12.73 -17.50 23.51
CA VAL A 261 13.52 -16.60 22.62
C VAL A 261 14.18 -17.48 21.56
N TYR A 262 13.98 -17.16 20.28
CA TYR A 262 14.58 -17.89 19.12
C TYR A 262 15.77 -17.08 18.59
N ILE A 263 16.87 -17.77 18.32
CA ILE A 263 18.07 -17.18 17.68
C ILE A 263 18.39 -17.99 16.43
N TRP A 264 18.41 -17.34 15.28
CA TRP A 264 18.75 -17.97 13.98
C TRP A 264 20.11 -17.45 13.49
N ASN A 265 20.87 -18.30 12.81
CA ASN A 265 21.97 -17.87 11.92
C ASN A 265 21.38 -17.05 10.77
N LEU A 266 21.81 -15.79 10.60
CA LEU A 266 21.22 -14.89 9.57
C LEU A 266 21.40 -15.51 8.17
N GLN A 267 22.60 -16.00 7.86
CA GLN A 267 22.93 -16.47 6.49
C GLN A 267 22.32 -17.85 6.23
N THR A 268 22.46 -18.80 7.15
CA THR A 268 22.05 -20.22 6.93
C THR A 268 20.58 -20.43 7.28
N LYS A 269 19.96 -19.54 8.08
CA LYS A 269 18.53 -19.61 8.50
C LYS A 269 18.27 -20.75 9.50
N GLU A 270 19.30 -21.44 9.99
CA GLU A 270 19.14 -22.52 11.00
C GLU A 270 18.93 -21.88 12.39
N ILE A 271 18.03 -22.44 13.19
CA ILE A 271 17.91 -22.12 14.64
C ILE A 271 19.21 -22.56 15.31
N VAL A 272 19.83 -21.67 16.07
CA VAL A 272 21.11 -21.95 16.77
C VAL A 272 20.87 -21.98 18.27
N GLN A 273 19.81 -21.35 18.77
CA GLN A 273 19.45 -21.41 20.20
C GLN A 273 17.97 -21.07 20.42
N LYS A 274 17.36 -21.74 21.38
CA LYS A 274 16.03 -21.40 21.94
C LYS A 274 16.20 -21.21 23.45
N LEU A 275 15.95 -20.02 23.95
CA LEU A 275 16.20 -19.66 25.36
C LEU A 275 14.93 -19.91 26.16
N GLN A 276 15.01 -20.82 27.13
CA GLN A 276 13.88 -21.30 27.97
C GLN A 276 13.89 -20.56 29.31
N GLY A 277 12.72 -20.22 29.85
CA GLY A 277 12.61 -19.59 31.16
C GLY A 277 11.35 -18.76 31.32
N HIS A 278 10.89 -18.05 30.29
CA HIS A 278 9.64 -17.26 30.40
C HIS A 278 8.46 -18.22 30.49
N THR A 279 7.36 -17.75 31.08
CA THR A 279 6.13 -18.54 31.34
C THR A 279 4.93 -17.94 30.59
N ASP A 280 5.16 -16.92 29.76
CA ASP A 280 4.13 -16.37 28.84
C ASP A 280 4.83 -15.90 27.57
N VAL A 281 4.02 -15.47 26.59
CA VAL A 281 4.49 -14.99 25.27
C VAL A 281 5.70 -14.08 25.48
N VAL A 282 6.77 -14.33 24.74
CA VAL A 282 7.94 -13.40 24.74
C VAL A 282 7.64 -12.35 23.68
N ILE A 283 7.18 -11.19 24.13
CA ILE A 283 6.64 -10.11 23.27
C ILE A 283 7.77 -9.24 22.74
N SER A 284 8.90 -9.20 23.44
CA SER A 284 9.94 -8.19 23.15
C SER A 284 11.31 -8.78 23.43
N THR A 285 12.23 -8.60 22.48
CA THR A 285 13.68 -8.88 22.68
C THR A 285 14.45 -7.63 22.26
N ALA A 286 15.62 -7.42 22.85
CA ALA A 286 16.54 -6.34 22.47
C ALA A 286 17.97 -6.85 22.61
N CYS A 287 18.87 -6.37 21.76
CA CYS A 287 20.29 -6.75 21.71
C CYS A 287 21.12 -5.56 22.21
N HIS A 288 22.03 -5.82 23.15
CA HIS A 288 22.93 -4.80 23.73
C HIS A 288 23.83 -4.24 22.62
N PRO A 289 24.14 -2.92 22.64
CA PRO A 289 24.92 -2.32 21.54
C PRO A 289 26.39 -2.76 21.43
N THR A 290 27.02 -3.28 22.50
CA THR A 290 28.47 -3.65 22.49
C THR A 290 28.73 -5.07 23.04
N GLU A 291 28.00 -5.53 24.06
CA GLU A 291 28.19 -6.86 24.68
C GLU A 291 27.19 -7.85 24.06
N ASN A 292 27.53 -9.14 24.08
CA ASN A 292 26.63 -10.25 23.65
C ASN A 292 25.58 -10.46 24.74
N ILE A 293 24.66 -9.51 24.87
CA ILE A 293 23.58 -9.53 25.88
C ILE A 293 22.25 -9.36 25.15
N ILE A 294 21.27 -10.21 25.49
CA ILE A 294 19.86 -10.08 25.04
C ILE A 294 18.99 -9.77 26.25
N ALA A 295 18.06 -8.84 26.09
CA ALA A 295 16.94 -8.64 27.03
C ALA A 295 15.68 -9.22 26.38
N SER A 296 14.87 -9.94 27.17
CA SER A 296 13.56 -10.45 26.71
C SER A 296 12.51 -10.05 27.74
N ALA A 297 11.26 -9.90 27.31
CA ALA A 297 10.15 -9.58 28.23
C ALA A 297 8.90 -10.31 27.78
N ALA A 298 8.05 -10.61 28.75
CA ALA A 298 6.84 -11.44 28.54
C ALA A 298 5.57 -10.71 28.97
N LEU A 299 4.46 -11.30 28.53
CA LEU A 299 3.08 -10.80 28.76
C LEU A 299 2.63 -11.19 30.18
N GLU A 300 1.33 -11.04 30.42
CA GLU A 300 0.80 -10.67 31.76
C GLU A 300 0.85 -11.88 32.70
N ASN A 301 0.89 -13.10 32.20
CA ASN A 301 0.98 -14.30 33.08
C ASN A 301 2.40 -14.44 33.64
N ASP A 302 3.38 -13.69 33.12
CA ASP A 302 4.82 -13.79 33.51
C ASP A 302 5.29 -12.47 34.10
N LYS A 303 5.32 -11.41 33.28
CA LYS A 303 5.60 -10.00 33.68
C LYS A 303 7.07 -9.75 33.99
N THR A 304 7.95 -10.70 33.70
CA THR A 304 9.40 -10.54 33.98
C THR A 304 10.15 -10.16 32.71
N ILE A 305 11.30 -9.52 32.93
CA ILE A 305 12.33 -9.21 31.93
C ILE A 305 13.52 -10.11 32.28
N LYS A 306 14.16 -10.74 31.29
CA LYS A 306 15.36 -11.60 31.52
C LYS A 306 16.54 -11.04 30.75
N LEU A 307 17.72 -11.05 31.38
CA LEU A 307 19.00 -10.67 30.73
C LEU A 307 19.82 -11.96 30.52
N TRP A 308 20.19 -12.23 29.27
CA TRP A 308 20.95 -13.43 28.83
C TRP A 308 22.31 -12.96 28.28
N LYS A 309 23.39 -13.71 28.55
CA LYS A 309 24.74 -13.34 28.08
C LYS A 309 25.39 -14.56 27.41
N SER A 310 26.04 -14.32 26.26
CA SER A 310 26.82 -15.32 25.47
C SER A 310 28.30 -14.95 25.46
N ASP A 311 29.19 -15.93 25.27
CA ASP A 311 30.64 -15.69 25.03
C ASP A 311 30.88 -15.33 23.56
N CYS A 312 29.90 -15.50 22.67
CA CYS A 312 30.07 -15.18 21.22
C CYS A 312 28.73 -14.77 20.59
N VAL B 9 -27.36 17.72 -3.06
CA VAL B 9 -27.03 16.38 -2.46
C VAL B 9 -25.61 15.98 -2.91
N LYS B 10 -24.83 15.40 -1.99
CA LYS B 10 -23.45 14.89 -2.25
C LYS B 10 -23.43 13.40 -1.94
N PRO B 11 -22.50 12.62 -2.52
CA PRO B 11 -22.34 11.22 -2.14
C PRO B 11 -21.50 11.13 -0.85
N ASN B 12 -21.49 9.97 -0.19
CA ASN B 12 -20.71 9.74 1.06
C ASN B 12 -19.88 8.47 0.90
N TYR B 13 -19.12 8.37 -0.19
CA TYR B 13 -18.19 7.24 -0.42
C TYR B 13 -17.26 7.08 0.78
N ALA B 14 -17.22 5.87 1.34
CA ALA B 14 -16.33 5.48 2.45
C ALA B 14 -15.57 4.22 2.04
N LEU B 15 -14.30 4.12 2.46
CA LEU B 15 -13.45 2.93 2.21
C LEU B 15 -14.09 1.73 2.90
N LYS B 16 -14.28 0.63 2.16
CA LYS B 16 -14.77 -0.65 2.70
C LYS B 16 -13.65 -1.70 2.64
N PHE B 17 -12.93 -1.80 1.52
CA PHE B 17 -11.89 -2.83 1.32
C PHE B 17 -10.68 -2.25 0.59
N THR B 18 -9.50 -2.73 0.99
CA THR B 18 -8.20 -2.58 0.27
C THR B 18 -7.76 -3.97 -0.21
N LEU B 19 -7.50 -4.07 -1.51
CA LEU B 19 -7.19 -5.31 -2.26
C LEU B 19 -5.72 -5.30 -2.69
N ALA B 20 -4.91 -6.13 -2.04
CA ALA B 20 -3.44 -6.16 -2.22
C ALA B 20 -3.06 -7.52 -2.82
N GLY B 21 -2.11 -7.53 -3.75
CA GLY B 21 -1.69 -8.77 -4.41
C GLY B 21 -0.81 -8.55 -5.61
N HIS B 22 -1.12 -7.54 -6.43
CA HIS B 22 -0.25 -7.18 -7.58
C HIS B 22 1.10 -6.73 -7.04
N THR B 23 2.18 -7.08 -7.72
CA THR B 23 3.57 -6.81 -7.25
C THR B 23 4.19 -5.63 -8.02
N LYS B 24 3.48 -5.03 -8.96
CA LYS B 24 3.92 -3.82 -9.71
C LYS B 24 2.68 -2.90 -9.83
N ALA B 25 2.79 -1.78 -10.54
CA ALA B 25 1.68 -0.83 -10.76
C ALA B 25 0.43 -1.56 -11.23
N VAL B 26 -0.72 -1.18 -10.68
CA VAL B 26 -2.02 -1.59 -11.27
C VAL B 26 -2.24 -0.65 -12.44
N SER B 27 -2.78 -1.15 -13.54
CA SER B 27 -2.98 -0.35 -14.77
C SER B 27 -4.46 -0.02 -14.96
N SER B 28 -5.37 -0.94 -14.61
CA SER B 28 -6.80 -0.82 -14.95
CA SER B 28 -6.81 -0.83 -14.97
C SER B 28 -7.62 -1.68 -13.99
N VAL B 29 -8.77 -1.17 -13.56
CA VAL B 29 -9.77 -2.02 -12.86
C VAL B 29 -11.10 -1.85 -13.59
N LYS B 30 -11.89 -2.92 -13.68
CA LYS B 30 -13.21 -2.90 -14.35
C LYS B 30 -14.16 -3.84 -13.62
N PHE B 31 -15.40 -3.41 -13.38
CA PHE B 31 -16.46 -4.28 -12.83
C PHE B 31 -17.07 -5.12 -13.96
N SER B 32 -17.39 -6.39 -13.66
CA SER B 32 -18.13 -7.25 -14.61
C SER B 32 -19.53 -6.66 -14.79
N PRO B 33 -20.11 -6.71 -16.00
CA PRO B 33 -21.48 -6.23 -16.19
C PRO B 33 -22.51 -6.86 -15.24
N ASN B 34 -22.29 -8.09 -14.78
CA ASN B 34 -23.26 -8.79 -13.87
C ASN B 34 -23.07 -8.36 -12.41
N GLY B 35 -22.08 -7.48 -12.13
CA GLY B 35 -21.83 -6.88 -10.80
C GLY B 35 -21.12 -7.81 -9.84
N GLU B 36 -20.72 -9.01 -10.25
CA GLU B 36 -20.20 -10.01 -9.30
C GLU B 36 -18.71 -9.77 -9.05
N TRP B 37 -17.97 -9.27 -10.06
CA TRP B 37 -16.49 -9.34 -10.06
C TRP B 37 -15.87 -8.00 -10.40
N LEU B 38 -14.65 -7.79 -9.90
CA LEU B 38 -13.72 -6.73 -10.37
C LEU B 38 -12.54 -7.43 -11.04
N ALA B 39 -12.17 -7.02 -12.25
CA ALA B 39 -10.92 -7.48 -12.89
C ALA B 39 -9.89 -6.37 -12.74
N SER B 40 -8.63 -6.73 -12.49
CA SER B 40 -7.49 -5.79 -12.41
C SER B 40 -6.38 -6.29 -13.31
N SER B 41 -5.73 -5.34 -13.99
CA SER B 41 -4.55 -5.61 -14.82
C SER B 41 -3.37 -4.87 -14.18
N SER B 42 -2.17 -5.37 -14.40
CA SER B 42 -0.96 -4.81 -13.75
C SER B 42 0.25 -4.92 -14.68
N ALA B 43 1.25 -4.09 -14.41
CA ALA B 43 2.62 -4.14 -14.98
C ALA B 43 3.30 -5.47 -14.64
N ASP B 44 2.78 -6.20 -13.65
CA ASP B 44 3.31 -7.51 -13.18
C ASP B 44 2.89 -8.63 -14.14
N LYS B 45 2.22 -8.32 -15.26
CA LYS B 45 1.87 -9.25 -16.36
C LYS B 45 0.66 -10.09 -15.97
N LEU B 46 -0.03 -9.74 -14.89
CA LEU B 46 -1.16 -10.57 -14.37
C LEU B 46 -2.49 -9.81 -14.43
N ILE B 47 -3.55 -10.58 -14.64
CA ILE B 47 -4.96 -10.21 -14.35
C ILE B 47 -5.33 -10.86 -13.01
N LYS B 48 -5.96 -10.11 -12.12
CA LYS B 48 -6.59 -10.70 -10.91
C LYS B 48 -8.10 -10.42 -10.93
N ILE B 49 -8.84 -11.37 -10.40
CA ILE B 49 -10.31 -11.32 -10.23
C ILE B 49 -10.57 -11.26 -8.72
N TRP B 50 -11.48 -10.37 -8.34
CA TRP B 50 -11.83 -10.08 -6.92
C TRP B 50 -13.35 -10.00 -6.81
N GLY B 51 -13.89 -10.42 -5.66
CA GLY B 51 -15.32 -10.23 -5.35
C GLY B 51 -15.68 -8.75 -5.29
N ALA B 52 -16.66 -8.31 -6.08
CA ALA B 52 -17.04 -6.87 -6.19
C ALA B 52 -17.58 -6.34 -4.86
N TYR B 53 -18.24 -7.18 -4.06
CA TYR B 53 -18.96 -6.73 -2.83
C TYR B 53 -18.14 -6.96 -1.57
N ASP B 54 -17.21 -7.92 -1.56
CA ASP B 54 -16.44 -8.31 -0.35
C ASP B 54 -14.94 -8.09 -0.57
N GLY B 55 -14.51 -7.73 -1.78
CA GLY B 55 -13.08 -7.56 -2.14
C GLY B 55 -12.28 -8.85 -2.05
N LYS B 56 -12.94 -10.01 -1.94
CA LYS B 56 -12.25 -11.29 -1.71
C LYS B 56 -11.51 -11.70 -2.99
N PHE B 57 -10.18 -11.86 -2.88
CA PHE B 57 -9.34 -12.36 -4.00
C PHE B 57 -9.94 -13.68 -4.49
N GLU B 58 -10.16 -13.77 -5.81
CA GLU B 58 -10.76 -14.95 -6.49
C GLU B 58 -9.68 -15.76 -7.21
N LYS B 59 -9.02 -15.21 -8.25
CA LYS B 59 -8.02 -15.97 -9.04
C LYS B 59 -7.09 -15.04 -9.81
N THR B 60 -5.96 -15.58 -10.23
CA THR B 60 -4.98 -14.92 -11.13
C THR B 60 -5.06 -15.57 -12.51
N ILE B 61 -5.03 -14.77 -13.56
CA ILE B 61 -4.98 -15.21 -14.98
C ILE B 61 -3.66 -14.71 -15.58
N SER B 62 -2.87 -15.62 -16.15
CA SER B 62 -1.47 -15.40 -16.55
C SER B 62 -1.29 -15.79 -18.01
N GLY B 63 -0.24 -15.29 -18.66
CA GLY B 63 0.14 -15.75 -20.01
C GLY B 63 0.81 -14.66 -20.83
N HIS B 64 0.47 -13.38 -20.58
CA HIS B 64 1.19 -12.25 -21.23
C HIS B 64 2.68 -12.29 -20.88
N LYS B 65 3.53 -11.95 -21.85
CA LYS B 65 5.02 -11.98 -21.74
C LYS B 65 5.53 -10.69 -21.11
N LEU B 66 4.74 -9.61 -21.16
CA LEU B 66 5.12 -8.29 -20.59
C LEU B 66 3.91 -7.70 -19.86
N GLY B 67 4.10 -6.55 -19.21
CA GLY B 67 3.05 -5.87 -18.42
C GLY B 67 1.79 -5.66 -19.22
N ILE B 68 0.64 -5.61 -18.52
CA ILE B 68 -0.71 -5.38 -19.11
C ILE B 68 -1.17 -3.95 -18.80
N SER B 69 -1.64 -3.22 -19.81
CA SER B 69 -2.09 -1.81 -19.69
C SER B 69 -3.59 -1.70 -19.46
N ASP B 70 -4.39 -2.67 -19.91
CA ASP B 70 -5.86 -2.53 -19.86
C ASP B 70 -6.51 -3.90 -19.93
N VAL B 71 -7.72 -3.99 -19.39
CA VAL B 71 -8.57 -5.21 -19.39
CA VAL B 71 -8.57 -5.20 -19.43
C VAL B 71 -10.02 -4.74 -19.56
N ALA B 72 -10.85 -5.57 -20.17
CA ALA B 72 -12.27 -5.23 -20.40
C ALA B 72 -13.07 -6.53 -20.43
N TRP B 73 -14.31 -6.44 -19.98
CA TRP B 73 -15.29 -7.56 -19.88
C TRP B 73 -16.16 -7.63 -21.12
N SER B 74 -16.53 -8.85 -21.50
CA SER B 74 -17.63 -9.13 -22.43
C SER B 74 -18.96 -8.85 -21.72
N SER B 75 -20.00 -8.60 -22.51
CA SER B 75 -21.34 -8.21 -22.00
C SER B 75 -21.93 -9.32 -21.11
N ASP B 76 -21.61 -10.58 -21.37
CA ASP B 76 -22.17 -11.72 -20.58
C ASP B 76 -21.29 -12.01 -19.36
N SER B 77 -20.24 -11.22 -19.13
CA SER B 77 -19.32 -11.35 -17.97
C SER B 77 -18.47 -12.63 -18.05
N ASN B 78 -18.47 -13.34 -19.17
CA ASN B 78 -17.79 -14.66 -19.27
C ASN B 78 -16.36 -14.52 -19.81
N LEU B 79 -16.08 -13.46 -20.60
CA LEU B 79 -14.76 -13.26 -21.25
C LEU B 79 -14.12 -11.95 -20.77
N LEU B 80 -12.80 -11.93 -20.76
CA LEU B 80 -11.97 -10.71 -20.64
C LEU B 80 -11.13 -10.58 -21.90
N VAL B 81 -10.80 -9.35 -22.26
CA VAL B 81 -9.69 -9.05 -23.20
C VAL B 81 -8.66 -8.22 -22.45
N SER B 82 -7.38 -8.46 -22.74
CA SER B 82 -6.25 -7.73 -22.13
C SER B 82 -5.37 -7.15 -23.23
N ALA B 83 -4.82 -5.96 -23.00
CA ALA B 83 -3.89 -5.26 -23.92
C ALA B 83 -2.51 -5.19 -23.25
N SER B 84 -1.46 -5.72 -23.89
CA SER B 84 -0.13 -5.91 -23.25
C SER B 84 0.98 -5.17 -24.01
N ASP B 85 2.06 -4.85 -23.29
CA ASP B 85 3.34 -4.38 -23.88
C ASP B 85 3.97 -5.43 -24.81
N ASP B 86 3.52 -6.69 -24.76
CA ASP B 86 4.05 -7.77 -25.64
C ASP B 86 3.47 -7.64 -27.05
N LYS B 87 2.71 -6.55 -27.32
CA LYS B 87 2.16 -6.15 -28.64
C LYS B 87 0.95 -7.00 -29.02
N THR B 88 0.41 -7.79 -28.09
CA THR B 88 -0.78 -8.64 -28.35
C THR B 88 -1.92 -8.22 -27.44
N LEU B 89 -3.14 -8.58 -27.84
CA LEU B 89 -4.28 -8.72 -26.89
C LEU B 89 -4.53 -10.21 -26.67
N LYS B 90 -5.07 -10.56 -25.52
CA LYS B 90 -5.51 -11.95 -25.24
C LYS B 90 -6.99 -11.91 -24.87
N ILE B 91 -7.74 -12.89 -25.39
CA ILE B 91 -9.13 -13.17 -24.98
C ILE B 91 -9.12 -14.36 -24.02
N TRP B 92 -9.75 -14.21 -22.87
CA TRP B 92 -9.72 -15.18 -21.76
C TRP B 92 -11.13 -15.68 -21.44
N ASP B 93 -11.25 -16.96 -21.21
CA ASP B 93 -12.42 -17.54 -20.54
C ASP B 93 -12.21 -17.40 -19.04
N VAL B 94 -13.00 -16.54 -18.38
CA VAL B 94 -12.74 -16.19 -16.96
C VAL B 94 -12.86 -17.46 -16.09
N SER B 95 -13.91 -18.26 -16.28
CA SER B 95 -14.17 -19.43 -15.40
C SER B 95 -13.03 -20.46 -15.51
N SER B 96 -12.50 -20.75 -16.69
CA SER B 96 -11.45 -21.79 -16.89
C SER B 96 -10.04 -21.19 -16.73
N GLY B 97 -9.88 -19.88 -16.95
CA GLY B 97 -8.55 -19.24 -17.02
C GLY B 97 -7.89 -19.42 -18.38
N LYS B 98 -8.56 -20.07 -19.33
CA LYS B 98 -8.00 -20.41 -20.65
C LYS B 98 -7.81 -19.13 -21.48
N CYS B 99 -6.64 -19.03 -22.12
CA CYS B 99 -6.41 -18.08 -23.22
C CYS B 99 -7.05 -18.66 -24.48
N LEU B 100 -8.19 -18.11 -24.89
CA LEU B 100 -8.95 -18.56 -26.09
C LEU B 100 -8.23 -18.12 -27.37
N LYS B 101 -7.73 -16.88 -27.38
CA LYS B 101 -7.19 -16.21 -28.60
C LYS B 101 -6.08 -15.25 -28.20
N THR B 102 -5.02 -15.21 -29.00
CA THR B 102 -3.99 -14.13 -28.99
C THR B 102 -4.15 -13.33 -30.28
N LEU B 103 -4.37 -12.03 -30.13
CA LEU B 103 -4.71 -11.10 -31.24
C LEU B 103 -3.40 -10.41 -31.61
N LYS B 104 -2.83 -10.81 -32.76
CA LYS B 104 -1.48 -10.36 -33.21
C LYS B 104 -1.67 -9.42 -34.41
N GLY B 105 -0.92 -8.33 -34.45
CA GLY B 105 -0.96 -7.37 -35.56
C GLY B 105 -0.45 -5.98 -35.23
N HIS B 106 -0.59 -5.52 -33.99
CA HIS B 106 0.01 -4.23 -33.56
C HIS B 106 1.53 -4.36 -33.62
N SER B 107 2.21 -3.28 -33.99
CA SER B 107 3.69 -3.24 -34.15
C SER B 107 4.35 -2.63 -32.91
N ASN B 108 3.58 -2.28 -31.87
CA ASN B 108 4.12 -1.66 -30.64
C ASN B 108 3.14 -1.95 -29.50
N TYR B 109 3.42 -1.47 -28.28
CA TYR B 109 2.62 -1.74 -27.07
C TYR B 109 1.12 -1.58 -27.39
N VAL B 110 0.30 -2.52 -26.93
CA VAL B 110 -1.17 -2.34 -26.98
C VAL B 110 -1.59 -1.72 -25.64
N PHE B 111 -2.27 -0.59 -25.69
CA PHE B 111 -2.47 0.29 -24.51
C PHE B 111 -3.90 0.25 -24.00
N CYS B 112 -4.89 0.06 -24.85
CA CYS B 112 -6.31 0.19 -24.46
C CYS B 112 -7.16 -0.80 -25.26
N CYS B 113 -8.25 -1.26 -24.65
CA CYS B 113 -9.10 -2.26 -25.33
C CYS B 113 -10.52 -2.23 -24.78
N ASN B 114 -11.47 -2.68 -25.59
CA ASN B 114 -12.88 -2.76 -25.18
C ASN B 114 -13.60 -3.75 -26.08
N PHE B 115 -14.58 -4.45 -25.51
CA PHE B 115 -15.62 -5.18 -26.28
C PHE B 115 -16.68 -4.18 -26.73
N ASN B 116 -17.37 -4.47 -27.83
CA ASN B 116 -18.63 -3.78 -28.21
C ASN B 116 -19.75 -4.42 -27.39
N PRO B 117 -20.92 -3.77 -27.27
CA PRO B 117 -22.05 -4.32 -26.51
C PRO B 117 -22.46 -5.75 -26.88
N GLN B 118 -22.52 -6.07 -28.18
CA GLN B 118 -22.79 -7.44 -28.69
C GLN B 118 -21.67 -8.40 -28.26
N SER B 119 -20.44 -7.89 -28.13
CA SER B 119 -19.22 -8.61 -27.68
C SER B 119 -18.75 -9.60 -28.74
N ASN B 120 -19.11 -9.35 -30.00
CA ASN B 120 -18.55 -10.06 -31.17
C ASN B 120 -17.30 -9.33 -31.66
N LEU B 121 -17.06 -8.09 -31.23
CA LEU B 121 -15.90 -7.30 -31.68
C LEU B 121 -15.06 -6.82 -30.50
N ILE B 122 -13.76 -6.70 -30.71
CA ILE B 122 -12.87 -5.96 -29.77
C ILE B 122 -12.25 -4.80 -30.54
N VAL B 123 -12.14 -3.64 -29.87
CA VAL B 123 -11.38 -2.49 -30.39
C VAL B 123 -10.12 -2.35 -29.54
N SER B 124 -8.99 -2.02 -30.18
CA SER B 124 -7.71 -1.82 -29.48
C SER B 124 -7.07 -0.54 -30.00
N GLY B 125 -6.29 0.12 -29.13
CA GLY B 125 -5.40 1.22 -29.49
C GLY B 125 -3.98 0.89 -29.08
N SER B 126 -3.00 1.42 -29.81
CA SER B 126 -1.58 1.08 -29.64
C SER B 126 -0.68 2.32 -29.70
N PHE B 127 0.51 2.19 -29.13
CA PHE B 127 1.66 3.11 -29.36
C PHE B 127 2.04 3.14 -30.83
N ASP B 128 1.59 2.17 -31.64
CA ASP B 128 1.80 2.16 -33.12
C ASP B 128 0.90 3.18 -33.83
N GLU B 129 0.06 3.93 -33.08
CA GLU B 129 -0.79 5.06 -33.53
C GLU B 129 -2.02 4.57 -34.30
N SER B 130 -2.27 3.26 -34.34
CA SER B 130 -3.43 2.65 -35.01
C SER B 130 -4.52 2.27 -33.99
N VAL B 131 -5.72 2.12 -34.50
CA VAL B 131 -6.85 1.44 -33.81
C VAL B 131 -7.17 0.19 -34.64
N ARG B 132 -7.33 -0.97 -33.99
CA ARG B 132 -7.69 -2.22 -34.69
C ARG B 132 -9.06 -2.66 -34.18
N ILE B 133 -9.87 -3.20 -35.11
CA ILE B 133 -11.16 -3.87 -34.79
C ILE B 133 -10.94 -5.35 -35.06
N TRP B 134 -11.24 -6.18 -34.06
CA TRP B 134 -10.94 -7.64 -34.11
C TRP B 134 -12.25 -8.42 -34.03
N ASP B 135 -12.25 -9.59 -34.66
CA ASP B 135 -13.34 -10.58 -34.55
C ASP B 135 -13.05 -11.47 -33.33
N VAL B 136 -13.94 -11.44 -32.33
CA VAL B 136 -13.78 -12.26 -31.09
C VAL B 136 -13.71 -13.74 -31.45
N LYS B 137 -14.60 -14.24 -32.31
CA LYS B 137 -14.73 -15.68 -32.65
C LYS B 137 -13.43 -16.22 -33.28
N THR B 138 -12.85 -15.50 -34.26
CA THR B 138 -11.70 -15.97 -35.09
C THR B 138 -10.36 -15.45 -34.58
N GLY B 139 -10.36 -14.36 -33.80
CA GLY B 139 -9.10 -13.67 -33.41
C GLY B 139 -8.50 -12.89 -34.57
N LYS B 140 -9.23 -12.75 -35.69
CA LYS B 140 -8.75 -12.11 -36.93
C LYS B 140 -8.93 -10.60 -36.79
N CYS B 141 -7.95 -9.81 -37.21
CA CYS B 141 -8.06 -8.35 -37.34
C CYS B 141 -8.95 -8.06 -38.55
N LEU B 142 -10.07 -7.36 -38.34
CA LEU B 142 -11.03 -7.05 -39.42
C LEU B 142 -10.60 -5.74 -40.11
N LYS B 143 -10.19 -4.74 -39.32
CA LYS B 143 -9.87 -3.39 -39.82
C LYS B 143 -8.67 -2.83 -39.04
N THR B 144 -7.77 -2.14 -39.74
CA THR B 144 -6.75 -1.25 -39.15
C THR B 144 -7.09 0.20 -39.53
N LEU B 145 -7.36 1.06 -38.55
CA LEU B 145 -7.68 2.51 -38.76
C LEU B 145 -6.39 3.31 -38.56
N PRO B 146 -6.03 4.20 -39.52
CA PRO B 146 -4.84 5.03 -39.41
C PRO B 146 -5.21 6.23 -38.54
N ALA B 147 -5.48 5.96 -37.27
CA ALA B 147 -6.37 6.82 -36.45
C ALA B 147 -5.68 8.12 -36.04
N HIS B 148 -4.39 8.05 -35.72
CA HIS B 148 -3.67 9.14 -35.01
C HIS B 148 -2.23 9.22 -35.48
N SER B 149 -1.52 10.26 -35.02
CA SER B 149 -0.10 10.54 -35.38
C SER B 149 0.78 10.44 -34.14
N ASP B 150 0.25 9.85 -33.06
CA ASP B 150 0.97 9.60 -31.78
C ASP B 150 0.23 8.47 -31.08
N PRO B 151 0.75 7.99 -29.93
CA PRO B 151 0.09 6.90 -29.22
C PRO B 151 -1.38 7.17 -28.88
N VAL B 152 -2.16 6.10 -29.00
CA VAL B 152 -3.62 6.10 -28.79
C VAL B 152 -3.87 5.80 -27.32
N SER B 153 -4.55 6.71 -26.62
CA SER B 153 -4.72 6.60 -25.14
C SER B 153 -6.00 5.82 -24.78
N ALA B 154 -7.03 5.82 -25.62
CA ALA B 154 -8.33 5.22 -25.24
C ALA B 154 -9.12 4.88 -26.50
N VAL B 155 -9.91 3.80 -26.41
CA VAL B 155 -10.87 3.35 -27.44
C VAL B 155 -12.14 2.87 -26.72
N HIS B 156 -13.30 3.21 -27.24
CA HIS B 156 -14.58 2.89 -26.59
C HIS B 156 -15.70 2.80 -27.63
N PHE B 157 -16.56 1.78 -27.52
CA PHE B 157 -17.80 1.69 -28.33
C PHE B 157 -18.91 2.47 -27.65
N ASN B 158 -19.80 3.06 -28.45
CA ASN B 158 -21.06 3.66 -27.95
C ASN B 158 -22.06 2.55 -27.65
N ARG B 159 -23.21 2.94 -27.09
CA ARG B 159 -24.22 2.03 -26.49
C ARG B 159 -24.66 0.95 -27.50
N ASP B 160 -24.68 1.21 -28.80
CA ASP B 160 -25.22 0.23 -29.79
C ASP B 160 -24.10 -0.34 -30.67
N GLY B 161 -22.83 0.02 -30.44
CA GLY B 161 -21.68 -0.58 -31.13
C GLY B 161 -21.41 0.04 -32.49
N SER B 162 -22.17 1.06 -32.91
CA SER B 162 -22.13 1.62 -34.27
C SER B 162 -20.97 2.62 -34.40
N LEU B 163 -20.51 3.18 -33.29
CA LEU B 163 -19.42 4.19 -33.26
C LEU B 163 -18.31 3.74 -32.32
N ILE B 164 -17.10 4.19 -32.61
CA ILE B 164 -15.88 4.03 -31.77
C ILE B 164 -15.35 5.44 -31.57
N VAL B 165 -15.05 5.81 -30.34
CA VAL B 165 -14.29 7.06 -30.04
C VAL B 165 -12.85 6.65 -29.71
N SER B 166 -11.89 7.39 -30.23
CA SER B 166 -10.44 7.23 -29.95
C SER B 166 -9.87 8.57 -29.54
N SER B 167 -8.82 8.51 -28.72
CA SER B 167 -8.08 9.70 -28.23
C SER B 167 -6.59 9.42 -28.34
N SER B 168 -5.79 10.48 -28.40
CA SER B 168 -4.34 10.33 -28.65
C SER B 168 -3.56 11.50 -28.06
N TYR B 169 -2.27 11.24 -27.82
CA TYR B 169 -1.23 12.23 -27.49
C TYR B 169 -1.22 13.34 -28.54
N ASP B 170 -1.67 13.07 -29.77
CA ASP B 170 -1.73 14.06 -30.87
C ASP B 170 -2.75 15.17 -30.56
N GLY B 171 -3.58 15.04 -29.52
CA GLY B 171 -4.50 16.09 -29.06
C GLY B 171 -5.87 16.00 -29.70
N LEU B 172 -6.17 14.90 -30.41
CA LEU B 172 -7.43 14.71 -31.14
C LEU B 172 -8.26 13.66 -30.42
N CYS B 173 -9.58 13.88 -30.40
N CYS B 173 -9.58 13.85 -30.48
CA CYS B 173 -10.58 12.80 -30.27
CA CYS B 173 -10.60 12.81 -30.22
C CYS B 173 -11.12 12.56 -31.68
C CYS B 173 -11.32 12.56 -31.56
N ARG B 174 -11.36 11.30 -32.01
CA ARG B 174 -11.94 10.91 -33.32
C ARG B 174 -13.08 9.92 -33.12
N ILE B 175 -14.16 10.10 -33.87
CA ILE B 175 -15.35 9.18 -33.90
C ILE B 175 -15.29 8.41 -35.21
N TRP B 176 -15.43 7.09 -35.14
CA TRP B 176 -15.28 6.15 -36.29
C TRP B 176 -16.59 5.40 -36.45
N ASP B 177 -16.98 5.16 -37.70
CA ASP B 177 -18.06 4.21 -38.04
C ASP B 177 -17.49 2.78 -37.90
N THR B 178 -18.02 1.98 -36.99
CA THR B 178 -17.55 0.59 -36.78
C THR B 178 -17.60 -0.20 -38.09
N ALA B 179 -18.73 -0.18 -38.80
CA ALA B 179 -18.96 -1.00 -40.01
C ALA B 179 -17.98 -0.60 -41.12
N SER B 180 -17.85 0.69 -41.42
CA SER B 180 -17.09 1.21 -42.60
C SER B 180 -15.62 1.49 -42.29
N GLY B 181 -15.29 1.83 -41.05
CA GLY B 181 -13.92 2.25 -40.70
C GLY B 181 -13.71 3.72 -40.99
N GLN B 182 -14.74 4.42 -41.44
CA GLN B 182 -14.62 5.86 -41.82
C GLN B 182 -14.52 6.73 -40.56
N CYS B 183 -13.62 7.74 -40.59
CA CYS B 183 -13.55 8.82 -39.60
C CYS B 183 -14.71 9.77 -39.84
N LEU B 184 -15.69 9.80 -38.94
CA LEU B 184 -16.91 10.65 -39.07
C LEU B 184 -16.68 12.03 -38.45
N LYS B 185 -15.86 12.12 -37.40
CA LYS B 185 -15.64 13.38 -36.67
C LYS B 185 -14.23 13.41 -36.09
N THR B 186 -13.65 14.61 -36.08
CA THR B 186 -12.44 14.96 -35.32
C THR B 186 -12.83 16.14 -34.42
N LEU B 187 -12.68 15.99 -33.11
CA LEU B 187 -13.05 17.04 -32.12
C LEU B 187 -11.81 17.86 -31.77
N ILE B 188 -11.87 19.17 -32.04
CA ILE B 188 -10.75 20.15 -31.93
C ILE B 188 -11.30 21.30 -31.10
N ASP B 189 -10.65 21.62 -29.97
CA ASP B 189 -10.99 22.74 -29.07
C ASP B 189 -10.29 24.03 -29.52
N ASP B 190 -10.36 25.07 -28.68
CA ASP B 190 -9.58 26.33 -28.79
C ASP B 190 -8.08 25.99 -28.77
N ASP B 191 -7.69 24.91 -28.09
CA ASP B 191 -6.30 24.37 -28.12
C ASP B 191 -6.35 22.84 -28.07
N ASN B 192 -5.22 22.18 -28.35
CA ASN B 192 -5.15 20.70 -28.51
C ASN B 192 -4.01 20.12 -27.66
N PRO B 193 -4.14 20.15 -26.33
CA PRO B 193 -3.24 19.42 -25.44
C PRO B 193 -3.43 17.92 -25.64
N PRO B 194 -2.45 17.04 -25.31
CA PRO B 194 -2.62 15.60 -25.37
C PRO B 194 -3.93 15.14 -24.69
N VAL B 195 -4.66 14.26 -25.36
CA VAL B 195 -5.91 13.66 -24.83
C VAL B 195 -5.53 12.30 -24.24
N SER B 196 -5.72 12.18 -22.92
CA SER B 196 -5.23 11.08 -22.07
C SER B 196 -6.33 10.06 -21.83
N PHE B 197 -7.57 10.40 -22.17
CA PHE B 197 -8.73 9.47 -22.01
C PHE B 197 -9.97 10.03 -22.70
N VAL B 198 -10.77 9.09 -23.22
CA VAL B 198 -12.13 9.42 -23.74
C VAL B 198 -13.03 8.20 -23.55
N LYS B 199 -14.31 8.46 -23.39
CA LYS B 199 -15.38 7.44 -23.43
C LYS B 199 -16.71 8.17 -23.73
N PHE B 200 -17.60 7.44 -24.37
CA PHE B 200 -19.03 7.83 -24.53
C PHE B 200 -19.74 7.80 -23.18
N SER B 201 -20.68 8.74 -22.99
CA SER B 201 -21.70 8.71 -21.92
C SER B 201 -22.58 7.47 -22.12
N PRO B 202 -23.22 6.97 -21.04
CA PRO B 202 -24.13 5.83 -21.17
C PRO B 202 -25.15 5.96 -22.31
N ASN B 203 -25.70 7.16 -22.55
CA ASN B 203 -26.77 7.35 -23.57
C ASN B 203 -26.17 7.56 -24.98
N GLY B 204 -24.84 7.63 -25.10
CA GLY B 204 -24.11 7.71 -26.37
C GLY B 204 -24.12 9.09 -26.98
N LYS B 205 -24.68 10.09 -26.28
CA LYS B 205 -24.92 11.45 -26.84
C LYS B 205 -23.68 12.32 -26.61
N TYR B 206 -22.91 12.02 -25.57
CA TYR B 206 -21.76 12.87 -25.13
C TYR B 206 -20.49 12.04 -25.16
N ILE B 207 -19.35 12.72 -25.23
CA ILE B 207 -18.03 12.07 -24.94
C ILE B 207 -17.35 12.83 -23.80
N LEU B 208 -16.84 12.08 -22.83
CA LEU B 208 -16.02 12.63 -21.73
C LEU B 208 -14.56 12.47 -22.13
N ALA B 209 -13.84 13.59 -22.23
CA ALA B 209 -12.44 13.68 -22.70
C ALA B 209 -11.56 14.25 -21.60
N ALA B 210 -10.46 13.58 -21.30
CA ALA B 210 -9.43 14.10 -20.38
C ALA B 210 -8.26 14.62 -21.19
N THR B 211 -7.74 15.80 -20.84
CA THR B 211 -6.51 16.36 -21.44
C THR B 211 -5.46 16.59 -20.34
N LEU B 212 -4.19 16.63 -20.74
CA LEU B 212 -3.03 16.70 -19.81
C LEU B 212 -2.77 18.16 -19.41
N ASP B 213 -3.85 18.94 -19.32
CA ASP B 213 -3.90 20.31 -18.75
C ASP B 213 -4.84 20.30 -17.54
N ASN B 214 -4.92 19.17 -16.82
CA ASN B 214 -5.71 19.06 -15.57
C ASN B 214 -7.19 19.34 -15.83
N THR B 215 -7.73 18.89 -16.96
CA THR B 215 -9.12 19.19 -17.37
C THR B 215 -9.83 17.95 -17.92
N LEU B 216 -11.05 17.71 -17.46
CA LEU B 216 -12.05 16.83 -18.11
C LEU B 216 -13.11 17.71 -18.78
N LYS B 217 -13.57 17.32 -19.96
CA LYS B 217 -14.64 18.04 -20.69
C LYS B 217 -15.69 17.05 -21.18
N LEU B 218 -16.95 17.43 -21.03
CA LEU B 218 -18.09 16.73 -21.65
C LEU B 218 -18.44 17.45 -22.95
N TRP B 219 -18.29 16.74 -24.07
CA TRP B 219 -18.61 17.22 -25.43
C TRP B 219 -19.94 16.64 -25.89
N ASP B 220 -20.78 17.47 -26.52
CA ASP B 220 -21.85 17.02 -27.44
C ASP B 220 -21.15 16.80 -28.78
N TYR B 221 -20.87 15.56 -29.17
CA TYR B 221 -19.96 15.28 -30.30
C TYR B 221 -20.68 15.54 -31.63
N SER B 222 -22.01 15.36 -31.66
CA SER B 222 -22.85 15.66 -32.85
C SER B 222 -22.85 17.17 -33.11
N LYS B 223 -23.07 18.00 -32.08
CA LYS B 223 -23.00 19.49 -32.17
C LYS B 223 -21.54 19.95 -32.16
N GLY B 224 -20.60 19.08 -31.79
CA GLY B 224 -19.15 19.39 -31.72
C GLY B 224 -18.84 20.48 -30.71
N LYS B 225 -19.66 20.63 -29.67
CA LYS B 225 -19.62 21.71 -28.64
C LYS B 225 -19.24 21.12 -27.28
N CYS B 226 -18.41 21.84 -26.51
CA CYS B 226 -18.11 21.53 -25.09
C CYS B 226 -19.32 21.96 -24.25
N LEU B 227 -19.86 21.07 -23.40
CA LEU B 227 -21.07 21.32 -22.56
C LEU B 227 -20.67 21.62 -21.12
N LYS B 228 -19.69 20.89 -20.58
CA LYS B 228 -19.25 20.97 -19.17
C LYS B 228 -17.73 20.86 -19.11
N THR B 229 -17.12 21.51 -18.12
CA THR B 229 -15.66 21.46 -17.84
C THR B 229 -15.48 21.13 -16.36
N TYR B 230 -14.61 20.18 -16.04
CA TYR B 230 -14.35 19.69 -14.65
C TYR B 230 -12.86 19.87 -14.34
N THR B 231 -12.55 20.54 -13.24
CA THR B 231 -11.16 20.87 -12.81
C THR B 231 -11.04 20.74 -11.28
N GLY B 232 -9.82 20.90 -10.77
CA GLY B 232 -9.48 20.78 -9.35
C GLY B 232 -8.53 19.63 -9.09
N HIS B 233 -8.49 18.65 -10.00
CA HIS B 233 -7.61 17.45 -9.93
C HIS B 233 -6.27 17.73 -10.61
N LYS B 234 -5.34 16.80 -10.49
CA LYS B 234 -4.00 16.92 -11.09
C LYS B 234 -3.87 15.86 -12.18
N ASN B 235 -3.68 16.28 -13.44
CA ASN B 235 -3.56 15.33 -14.57
C ASN B 235 -2.73 15.97 -15.67
N GLU B 236 -1.40 15.85 -15.58
CA GLU B 236 -0.44 16.41 -16.56
C GLU B 236 0.45 15.34 -17.20
N LYS B 237 0.40 14.07 -16.76
CA LYS B 237 1.42 13.06 -17.16
C LYS B 237 0.77 11.74 -17.61
N TYR B 238 -0.24 11.26 -16.90
CA TYR B 238 -0.77 9.88 -17.03
C TYR B 238 -2.12 9.85 -17.74
N CYS B 239 -2.37 8.72 -18.39
CA CYS B 239 -3.68 8.36 -18.96
C CYS B 239 -4.55 7.77 -17.86
N ILE B 240 -5.38 8.61 -17.24
CA ILE B 240 -6.21 8.25 -16.06
C ILE B 240 -7.63 8.01 -16.54
N PHE B 241 -8.21 6.86 -16.19
CA PHE B 241 -9.61 6.49 -16.50
C PHE B 241 -10.55 7.42 -15.74
N ALA B 242 -11.61 7.87 -16.41
CA ALA B 242 -12.73 8.60 -15.79
C ALA B 242 -14.03 7.87 -16.10
N ASN B 243 -15.07 8.19 -15.33
CA ASN B 243 -16.34 7.43 -15.37
C ASN B 243 -17.54 8.36 -15.19
N PHE B 244 -18.67 7.93 -15.73
CA PHE B 244 -20.03 8.41 -15.39
C PHE B 244 -20.61 7.49 -14.31
N SER B 245 -20.87 8.03 -13.13
CA SER B 245 -21.54 7.32 -12.02
C SER B 245 -23.05 7.57 -12.17
N VAL B 246 -23.85 6.50 -12.26
CA VAL B 246 -25.29 6.59 -12.66
C VAL B 246 -26.21 5.82 -11.69
N THR B 247 -25.68 5.10 -10.70
CA THR B 247 -26.49 4.23 -9.81
C THR B 247 -27.25 5.07 -8.78
N GLY B 248 -26.67 6.20 -8.37
CA GLY B 248 -27.28 7.15 -7.41
C GLY B 248 -27.34 8.53 -8.03
N GLY B 249 -26.70 9.51 -7.40
CA GLY B 249 -26.49 10.84 -8.02
C GLY B 249 -25.69 10.71 -9.31
N LYS B 250 -25.83 11.68 -10.20
CA LYS B 250 -25.16 11.68 -11.53
C LYS B 250 -23.83 12.41 -11.36
N TRP B 251 -22.74 11.62 -11.26
CA TRP B 251 -21.38 12.14 -10.99
C TRP B 251 -20.46 11.86 -12.17
N ILE B 252 -19.37 12.62 -12.20
CA ILE B 252 -18.12 12.31 -12.93
C ILE B 252 -17.11 11.84 -11.89
N VAL B 253 -16.46 10.71 -12.13
CA VAL B 253 -15.43 10.13 -11.21
C VAL B 253 -14.11 10.02 -11.96
N SER B 254 -13.02 10.44 -11.33
CA SER B 254 -11.68 10.30 -11.96
C SER B 254 -10.62 10.12 -10.89
N GLY B 255 -9.55 9.44 -11.27
CA GLY B 255 -8.26 9.41 -10.56
C GLY B 255 -7.55 10.73 -10.70
N SER B 256 -6.38 10.84 -10.11
CA SER B 256 -5.63 12.12 -10.00
C SER B 256 -4.18 11.80 -9.66
N GLU B 257 -3.24 12.63 -10.10
CA GLU B 257 -1.79 12.51 -9.78
C GLU B 257 -1.48 13.03 -8.37
N ASP B 258 -2.47 13.55 -7.65
CA ASP B 258 -2.35 13.95 -6.22
C ASP B 258 -2.86 12.82 -5.30
N ASN B 259 -3.12 11.63 -5.83
CA ASN B 259 -3.34 10.37 -5.07
C ASN B 259 -4.78 10.32 -4.55
N LEU B 260 -5.69 11.11 -5.12
CA LEU B 260 -7.08 11.18 -4.68
C LEU B 260 -8.01 10.72 -5.79
N VAL B 261 -9.17 10.21 -5.41
CA VAL B 261 -10.32 10.01 -6.32
C VAL B 261 -11.17 11.29 -6.25
N TYR B 262 -11.45 11.92 -7.38
CA TYR B 262 -12.33 13.11 -7.48
C TYR B 262 -13.71 12.69 -7.96
N ILE B 263 -14.74 13.24 -7.31
CA ILE B 263 -16.16 13.08 -7.72
C ILE B 263 -16.74 14.48 -7.93
N TRP B 264 -17.25 14.75 -9.14
CA TRP B 264 -17.94 16.01 -9.53
C TRP B 264 -19.43 15.75 -9.73
N ASN B 265 -20.27 16.73 -9.38
CA ASN B 265 -21.65 16.86 -9.89
C ASN B 265 -21.56 17.08 -11.40
N LEU B 266 -22.17 16.19 -12.19
CA LEU B 266 -22.08 16.26 -13.68
C LEU B 266 -22.61 17.63 -14.14
N GLN B 267 -23.75 18.05 -13.60
CA GLN B 267 -24.50 19.24 -14.10
C GLN B 267 -23.84 20.53 -13.60
N THR B 268 -23.48 20.61 -12.32
CA THR B 268 -22.99 21.88 -11.69
C THR B 268 -21.47 22.00 -11.81
N LYS B 269 -20.75 20.89 -12.03
CA LYS B 269 -19.26 20.82 -12.17
C LYS B 269 -18.56 21.07 -10.83
N GLU B 270 -19.29 21.11 -9.72
CA GLU B 270 -18.72 21.24 -8.36
C GLU B 270 -18.09 19.91 -7.94
N ILE B 271 -16.88 19.92 -7.37
CA ILE B 271 -16.32 18.77 -6.59
C ILE B 271 -17.26 18.50 -5.41
N VAL B 272 -17.79 17.28 -5.32
CA VAL B 272 -18.70 16.86 -4.22
C VAL B 272 -17.95 15.95 -3.24
N GLN B 273 -16.88 15.27 -3.67
CA GLN B 273 -16.06 14.41 -2.78
C GLN B 273 -14.65 14.18 -3.35
N LYS B 274 -13.67 14.13 -2.46
CA LYS B 274 -12.28 13.69 -2.77
C LYS B 274 -11.97 12.53 -1.82
N LEU B 275 -11.68 11.34 -2.37
CA LEU B 275 -11.50 10.12 -1.53
C LEU B 275 -10.00 9.96 -1.26
N GLN B 276 -9.63 9.92 0.03
N GLN B 276 -9.59 10.01 0.02
CA GLN B 276 -8.23 9.90 0.52
CA GLN B 276 -8.15 9.92 0.41
C GLN B 276 -7.87 8.48 0.97
C GLN B 276 -7.86 8.52 0.96
N GLY B 277 -6.63 8.04 0.71
CA GLY B 277 -6.18 6.71 1.14
C GLY B 277 -5.04 6.18 0.28
N HIS B 278 -5.06 6.37 -1.04
CA HIS B 278 -3.97 5.86 -1.91
C HIS B 278 -2.70 6.66 -1.62
N THR B 279 -1.54 6.09 -1.95
CA THR B 279 -0.19 6.64 -1.66
C THR B 279 0.58 6.83 -2.98
N ASP B 280 -0.09 6.67 -4.11
CA ASP B 280 0.52 6.98 -5.43
C ASP B 280 -0.62 7.37 -6.37
N VAL B 281 -0.25 7.76 -7.58
CA VAL B 281 -1.21 8.22 -8.61
C VAL B 281 -2.39 7.25 -8.67
N VAL B 282 -3.60 7.77 -8.66
CA VAL B 282 -4.82 6.94 -8.85
C VAL B 282 -5.05 6.92 -10.35
N ILE B 283 -4.62 5.83 -10.98
CA ILE B 283 -4.53 5.69 -12.45
C ILE B 283 -5.88 5.25 -12.99
N SER B 284 -6.70 4.60 -12.17
CA SER B 284 -7.89 3.91 -12.71
C SER B 284 -9.01 3.99 -11.67
N THR B 285 -10.21 4.37 -12.11
CA THR B 285 -11.43 4.20 -11.30
C THR B 285 -12.46 3.47 -12.14
N ALA B 286 -13.39 2.79 -11.47
CA ALA B 286 -14.52 2.11 -12.11
C ALA B 286 -15.75 2.25 -11.21
N CYS B 287 -16.94 2.34 -11.80
CA CYS B 287 -18.23 2.44 -11.10
C CYS B 287 -19.01 1.13 -11.26
N HIS B 288 -19.49 0.56 -10.15
CA HIS B 288 -20.29 -0.69 -10.13
C HIS B 288 -21.56 -0.47 -10.95
N PRO B 289 -22.04 -1.47 -11.72
CA PRO B 289 -23.22 -1.29 -12.57
C PRO B 289 -24.57 -1.08 -11.85
N THR B 290 -24.74 -1.52 -10.60
CA THR B 290 -26.07 -1.47 -9.90
C THR B 290 -25.96 -0.82 -8.50
N GLU B 291 -24.86 -1.01 -7.78
CA GLU B 291 -24.64 -0.45 -6.43
C GLU B 291 -23.76 0.80 -6.53
N ASN B 292 -23.89 1.70 -5.57
CA ASN B 292 -23.05 2.92 -5.46
C ASN B 292 -21.69 2.48 -4.89
N ILE B 293 -20.89 1.83 -5.72
CA ILE B 293 -19.55 1.31 -5.38
C ILE B 293 -18.56 1.82 -6.42
N ILE B 294 -17.43 2.32 -5.96
CA ILE B 294 -16.29 2.76 -6.81
C ILE B 294 -15.10 1.87 -6.49
N ALA B 295 -14.42 1.39 -7.52
CA ALA B 295 -13.07 0.79 -7.39
C ALA B 295 -12.03 1.81 -7.88
N SER B 296 -10.91 1.90 -7.17
CA SER B 296 -9.79 2.77 -7.57
C SER B 296 -8.50 1.97 -7.48
N ALA B 297 -7.53 2.25 -8.32
CA ALA B 297 -6.24 1.53 -8.26
C ALA B 297 -5.12 2.51 -8.48
N ALA B 298 -3.96 2.22 -7.90
CA ALA B 298 -2.77 3.11 -7.91
C ALA B 298 -1.55 2.47 -8.56
N LEU B 299 -0.60 3.35 -8.85
CA LEU B 299 0.69 3.05 -9.47
C LEU B 299 1.67 2.44 -8.45
N GLU B 300 2.93 2.33 -8.84
CA GLU B 300 3.88 1.30 -8.36
C GLU B 300 4.27 1.54 -6.88
N ASN B 301 4.20 2.77 -6.38
CA ASN B 301 4.59 3.04 -4.96
C ASN B 301 3.48 2.61 -3.99
N ASP B 302 2.29 2.24 -4.49
CA ASP B 302 1.09 1.87 -3.70
C ASP B 302 0.68 0.44 -4.02
N LYS B 303 0.28 0.18 -5.26
CA LYS B 303 -0.07 -1.15 -5.84
C LYS B 303 -1.37 -1.73 -5.27
N THR B 304 -2.15 -0.96 -4.53
CA THR B 304 -3.45 -1.46 -4.00
C THR B 304 -4.62 -1.00 -4.87
N ILE B 305 -5.69 -1.78 -4.77
CA ILE B 305 -7.05 -1.47 -5.27
C ILE B 305 -7.90 -1.12 -4.03
N LYS B 306 -8.75 -0.11 -4.11
CA LYS B 306 -9.70 0.20 -3.01
C LYS B 306 -11.14 0.16 -3.50
N LEU B 307 -12.03 -0.38 -2.66
CA LEU B 307 -13.49 -0.42 -2.90
C LEU B 307 -14.14 0.54 -1.91
N TRP B 308 -14.90 1.50 -2.42
CA TRP B 308 -15.59 2.57 -1.68
C TRP B 308 -17.10 2.41 -1.90
N LYS B 309 -17.91 2.63 -0.87
CA LYS B 309 -19.37 2.52 -1.00
C LYS B 309 -20.02 3.79 -0.45
N SER B 310 -21.10 4.22 -1.10
CA SER B 310 -21.91 5.42 -0.77
C SER B 310 -23.37 5.00 -0.55
N ASP B 311 -24.13 5.77 0.23
CA ASP B 311 -25.59 5.56 0.41
C ASP B 311 -26.36 6.26 -0.71
N CYS B 312 -25.71 7.08 -1.54
CA CYS B 312 -26.36 7.78 -2.68
C CYS B 312 -25.34 8.07 -3.79
#